data_6FXP
#
_entry.id   6FXP
#
_cell.length_a   151.77
_cell.length_b   151.77
_cell.length_c   122.51
_cell.angle_alpha   90.00
_cell.angle_beta   90.00
_cell.angle_gamma   120.00
#
_symmetry.space_group_name_H-M   'P 61 2 2'
#
loop_
_entity.id
_entity.type
_entity.pdbx_description
1 polymer 'Uncharacterized protein'
2 non-polymer 'TETRAETHYLENE GLYCOL'
3 non-polymer 'CHLORIDE ION'
4 non-polymer 'SODIUM ION'
5 water water
#
_entity_poly.entity_id   1
_entity_poly.type   'polypeptide(L)'
_entity_poly.pdbx_seq_one_letter_code
;SNAAAFKHVKSDIKIEKLNVTLNDAAKKQINNYTSQQVSNKKNDAWRDASATEIKSAMDSGTFIDNEKQKYQFLDLSKYQ
GIDKNRIKCMLVDRPTLLKHTDDFLKAAKDKHVNEVYLISHALLETGAVKSELANGVEIDGKKYYNFYGVGALDKDPIKT
GAEYAKKHGWDTPEKAISGGADFIHKHFLSSTDQNTLYSMRWNPKNPGEHQYATDIKWAESNATIIADFYKNMKTEGKYF
KYFVYKDDSKHLNK
;
_entity_poly.pdbx_strand_id   A,B
#
loop_
_chem_comp.id
_chem_comp.type
_chem_comp.name
_chem_comp.formula
CL non-polymer 'CHLORIDE ION' 'Cl -1'
NA non-polymer 'SODIUM ION' 'Na 1'
PG4 non-polymer 'TETRAETHYLENE GLYCOL' 'C8 H18 O5'
#
# COMPACT_ATOMS: atom_id res chain seq x y z
N ALA A 5 0.06 -24.10 -9.21
CA ALA A 5 1.15 -23.65 -8.34
C ALA A 5 0.80 -22.45 -7.45
N PHE A 6 1.69 -22.10 -6.53
CA PHE A 6 1.46 -20.98 -5.65
C PHE A 6 1.47 -19.67 -6.35
N LYS A 7 0.48 -18.86 -6.14
CA LYS A 7 0.46 -17.55 -6.76
C LYS A 7 0.66 -16.38 -5.81
N HIS A 8 1.82 -15.73 -5.92
CA HIS A 8 2.12 -14.56 -5.14
C HIS A 8 1.34 -13.37 -5.72
N VAL A 9 1.01 -12.43 -4.86
CA VAL A 9 0.25 -11.23 -5.19
C VAL A 9 0.92 -9.97 -4.69
N LYS A 10 0.91 -8.98 -5.54
CA LYS A 10 1.47 -7.68 -5.26
C LYS A 10 0.64 -7.03 -4.17
N SER A 11 1.23 -6.87 -2.98
CA SER A 11 0.52 -6.29 -1.83
C SER A 11 0.27 -4.80 -1.96
N ASP A 12 -0.88 -4.38 -1.44
CA ASP A 12 -1.24 -2.95 -1.36
C ASP A 12 -1.54 -2.74 0.15
N ILE A 13 -0.59 -2.14 0.89
CA ILE A 13 -0.66 -1.99 2.32
C ILE A 13 -0.76 -0.55 2.74
N LYS A 14 -1.68 -0.24 3.62
CA LYS A 14 -1.81 1.06 4.20
C LYS A 14 -1.40 0.94 5.63
N ILE A 15 -0.60 1.85 6.10
CA ILE A 15 -0.15 1.76 7.50
C ILE A 15 -0.77 2.84 8.32
N GLU A 16 -1.75 2.47 9.11
CA GLU A 16 -2.42 3.45 9.99
C GLU A 16 -1.59 3.58 11.21
N LYS A 17 -0.95 4.73 11.37
CA LYS A 17 -0.11 4.95 12.54
C LYS A 17 -0.98 5.64 13.56
N LEU A 18 -1.19 4.98 14.68
CA LEU A 18 -2.01 5.61 15.73
C LEU A 18 -1.19 6.48 16.70
N ASN A 19 -1.74 7.64 17.07
CA ASN A 19 -1.09 8.53 18.01
C ASN A 19 -1.29 8.11 19.49
N VAL A 20 -1.06 6.84 19.81
CA VAL A 20 -1.17 6.30 21.18
C VAL A 20 -0.29 5.06 21.29
N THR A 21 0.33 4.80 22.44
CA THR A 21 1.11 3.60 22.61
C THR A 21 0.14 2.41 22.82
N LEU A 22 0.63 1.18 22.74
CA LEU A 22 -0.20 0.00 22.93
C LEU A 22 -0.71 0.05 24.37
N ASN A 23 0.16 0.52 25.28
CA ASN A 23 -0.19 0.58 26.68
C ASN A 23 -1.32 1.51 26.91
N ASP A 24 -1.27 2.68 26.28
CA ASP A 24 -2.35 3.60 26.47
C ASP A 24 -3.64 3.14 25.79
N ALA A 25 -3.52 2.37 24.67
CA ALA A 25 -4.66 1.86 23.97
C ALA A 25 -5.36 0.80 24.88
N ALA A 26 -4.57 0.00 25.59
CA ALA A 26 -5.15 -1.04 26.45
C ALA A 26 -5.91 -0.41 27.63
N LYS A 27 -5.32 0.66 28.14
CA LYS A 27 -5.82 1.49 29.22
C LYS A 27 -7.15 2.06 28.74
N LYS A 28 -7.22 2.55 27.46
CA LYS A 28 -8.48 3.06 27.02
C LYS A 28 -9.47 1.91 26.88
N GLN A 29 -9.00 0.75 26.40
CA GLN A 29 -9.86 -0.38 26.18
C GLN A 29 -10.56 -0.85 27.45
N ILE A 30 -9.81 -1.00 28.51
CA ILE A 30 -10.43 -1.52 29.76
C ILE A 30 -11.44 -0.55 30.39
N ASN A 31 -11.23 0.76 30.15
CA ASN A 31 -12.08 1.80 30.66
C ASN A 31 -13.24 2.15 29.75
N ASN A 32 -13.24 1.63 28.51
CA ASN A 32 -14.36 1.93 27.57
C ASN A 32 -15.32 0.76 27.32
N TYR A 33 -14.91 -0.45 27.63
CA TYR A 33 -15.78 -1.61 27.40
C TYR A 33 -15.87 -2.49 28.63
N THR A 34 -16.76 -3.47 28.59
CA THR A 34 -16.94 -4.43 29.64
C THR A 34 -17.00 -5.79 29.00
N SER A 35 -17.04 -6.81 29.80
CA SER A 35 -17.16 -8.21 29.42
C SER A 35 -16.25 -8.75 28.33
N GLN A 36 -15.00 -8.48 28.44
CA GLN A 36 -14.05 -9.00 27.50
C GLN A 36 -13.84 -10.45 27.93
N GLN A 37 -14.03 -11.37 27.03
CA GLN A 37 -13.89 -12.79 27.35
C GLN A 37 -12.84 -13.53 26.55
N VAL A 38 -12.48 -14.70 27.04
CA VAL A 38 -11.52 -15.58 26.45
C VAL A 38 -11.87 -16.99 26.77
N SER A 39 -11.60 -17.87 25.86
CA SER A 39 -11.85 -19.29 26.04
C SER A 39 -10.98 -19.96 27.07
N ASN A 40 -11.47 -21.05 27.62
CA ASN A 40 -10.71 -21.87 28.56
C ASN A 40 -9.85 -22.82 27.74
N LYS A 41 -9.02 -23.67 28.39
CA LYS A 41 -8.17 -24.62 27.64
C LYS A 41 -9.01 -25.55 26.81
N LYS A 42 -10.11 -26.10 27.37
CA LYS A 42 -10.91 -27.05 26.61
C LYS A 42 -12.09 -26.48 25.83
N ASN A 43 -12.00 -25.20 25.43
CA ASN A 43 -13.07 -24.53 24.68
C ASN A 43 -14.51 -24.57 25.23
N ASP A 44 -15.42 -23.87 24.52
CA ASP A 44 -16.84 -23.72 24.87
C ASP A 44 -17.07 -23.55 26.38
N ALA A 45 -16.17 -22.76 26.96
CA ALA A 45 -16.09 -22.42 28.37
C ALA A 45 -15.46 -21.02 28.52
N TRP A 46 -16.23 -19.98 28.26
CA TRP A 46 -15.83 -18.58 28.39
C TRP A 46 -15.59 -18.12 29.81
N ARG A 47 -14.62 -17.31 29.98
CA ARG A 47 -14.19 -16.71 31.22
C ARG A 47 -13.78 -15.26 30.95
N ASP A 48 -13.42 -14.52 31.99
CA ASP A 48 -13.06 -13.13 31.87
C ASP A 48 -11.63 -12.95 31.45
N ALA A 49 -11.39 -12.05 30.46
CA ALA A 49 -10.01 -11.85 30.07
C ALA A 49 -9.35 -10.87 30.99
N SER A 50 -8.16 -11.15 31.42
CA SER A 50 -7.39 -10.25 32.22
C SER A 50 -6.89 -9.10 31.35
N ALA A 51 -6.36 -8.06 31.98
CA ALA A 51 -5.84 -6.88 31.29
C ALA A 51 -4.63 -7.24 30.43
N THR A 52 -3.76 -8.09 30.98
CA THR A 52 -2.57 -8.53 30.24
C THR A 52 -2.99 -9.25 28.98
N GLU A 53 -3.99 -10.09 29.11
CA GLU A 53 -4.47 -10.83 27.95
C GLU A 53 -5.12 -9.93 26.91
N ILE A 54 -5.84 -8.88 27.39
CA ILE A 54 -6.51 -7.91 26.52
C ILE A 54 -5.42 -7.20 25.68
N LYS A 55 -4.38 -6.68 26.40
CA LYS A 55 -3.28 -6.01 25.82
C LYS A 55 -2.56 -6.88 24.80
N SER A 56 -2.39 -8.19 25.10
CA SER A 56 -1.72 -9.12 24.19
C SER A 56 -2.59 -9.25 23.00
N ALA A 57 -3.91 -9.41 23.23
CA ALA A 57 -4.80 -9.59 22.11
C ALA A 57 -4.84 -8.38 21.19
N MET A 58 -4.45 -7.20 21.71
CA MET A 58 -4.44 -5.93 21.01
C MET A 58 -3.14 -5.61 20.26
N ASP A 59 -2.14 -6.43 20.51
CA ASP A 59 -0.79 -6.24 20.01
C ASP A 59 -0.60 -6.38 18.55
N SER A 60 -0.91 -5.29 17.82
CA SER A 60 -0.76 -5.37 16.35
C SER A 60 0.73 -5.66 15.98
N GLY A 61 1.64 -5.26 16.86
CA GLY A 61 3.07 -5.52 16.68
C GLY A 61 3.43 -6.96 16.46
N THR A 62 2.83 -7.89 17.24
CA THR A 62 3.11 -9.31 17.05
C THR A 62 2.36 -9.88 15.85
N PHE A 63 1.10 -9.45 15.67
CA PHE A 63 0.30 -9.90 14.54
C PHE A 63 0.84 -9.52 13.15
N ILE A 64 1.34 -8.29 12.95
CA ILE A 64 1.85 -7.86 11.66
C ILE A 64 2.91 -8.81 11.12
N ASP A 65 3.85 -9.17 11.97
CA ASP A 65 4.95 -10.06 11.61
C ASP A 65 4.62 -11.52 11.55
N ASN A 66 3.37 -11.89 11.82
CA ASN A 66 3.00 -13.29 11.78
C ASN A 66 2.36 -13.63 10.45
N GLU A 67 2.64 -14.83 9.89
CA GLU A 67 2.09 -15.19 8.57
C GLU A 67 0.60 -15.29 8.53
N LYS A 68 -0.01 -15.96 9.48
CA LYS A 68 -1.46 -16.03 9.49
C LYS A 68 -2.12 -14.79 10.12
N GLN A 69 -1.61 -14.35 11.26
CA GLN A 69 -2.19 -13.21 11.96
C GLN A 69 -2.17 -11.84 11.23
N LYS A 70 -1.34 -11.70 10.18
CA LYS A 70 -1.35 -10.47 9.39
C LYS A 70 -2.72 -10.36 8.73
N TYR A 71 -3.46 -11.50 8.57
CA TYR A 71 -4.81 -11.46 7.99
C TYR A 71 -5.84 -10.75 8.92
N GLN A 72 -5.43 -10.44 10.19
CA GLN A 72 -6.27 -9.60 11.05
C GLN A 72 -6.34 -8.24 10.36
N PHE A 73 -5.39 -8.01 9.47
CA PHE A 73 -5.36 -6.72 8.76
C PHE A 73 -5.83 -6.74 7.33
N LEU A 74 -6.29 -7.90 6.85
CA LEU A 74 -6.78 -7.93 5.47
C LEU A 74 -7.96 -6.97 5.31
N ASP A 75 -8.01 -6.14 4.22
CA ASP A 75 -9.12 -5.24 3.95
C ASP A 75 -10.34 -5.96 3.40
N LEU A 76 -11.27 -6.22 4.26
CA LEU A 76 -12.53 -6.94 3.95
C LEU A 76 -13.48 -6.19 3.10
N SER A 77 -13.25 -4.93 2.85
CA SER A 77 -14.17 -4.23 1.94
C SER A 77 -13.67 -4.21 0.46
N LYS A 78 -12.53 -4.85 0.19
CA LYS A 78 -11.98 -4.79 -1.16
C LYS A 78 -11.97 -6.08 -1.94
N TYR A 79 -12.68 -6.07 -3.06
CA TYR A 79 -12.70 -7.22 -3.98
C TYR A 79 -11.26 -7.41 -4.49
N GLN A 80 -10.72 -8.60 -4.39
CA GLN A 80 -9.33 -8.90 -4.83
C GLN A 80 -9.18 -9.28 -6.33
N GLY A 81 -10.09 -10.12 -6.86
CA GLY A 81 -10.01 -10.57 -8.24
C GLY A 81 -9.28 -11.88 -8.37
N ILE A 82 -9.39 -12.71 -7.32
CA ILE A 82 -8.76 -14.02 -7.25
C ILE A 82 -9.28 -14.92 -8.35
N ASP A 83 -8.41 -15.79 -8.90
CA ASP A 83 -8.87 -16.62 -10.00
C ASP A 83 -10.00 -17.49 -9.54
N LYS A 84 -11.06 -17.43 -10.31
CA LYS A 84 -12.24 -18.22 -9.94
C LYS A 84 -11.95 -19.71 -9.77
N ASN A 85 -10.89 -20.23 -10.47
CA ASN A 85 -10.63 -21.65 -10.29
C ASN A 85 -10.00 -21.92 -8.97
N ARG A 86 -9.35 -20.93 -8.41
CA ARG A 86 -8.76 -21.11 -7.09
C ARG A 86 -9.84 -21.08 -6.03
N ILE A 87 -10.82 -20.21 -6.25
CA ILE A 87 -11.96 -20.02 -5.34
C ILE A 87 -12.74 -21.33 -5.20
N LYS A 88 -12.92 -22.04 -6.32
CA LYS A 88 -13.62 -23.32 -6.28
C LYS A 88 -12.99 -24.33 -5.30
N CYS A 89 -11.72 -24.12 -4.92
CA CYS A 89 -11.01 -24.95 -3.95
C CYS A 89 -11.69 -24.81 -2.59
N MET A 90 -12.17 -23.60 -2.28
CA MET A 90 -12.87 -23.37 -1.01
C MET A 90 -14.24 -24.02 -1.03
N LEU A 91 -14.79 -24.30 -2.23
CA LEU A 91 -16.13 -24.85 -2.34
C LEU A 91 -16.22 -26.29 -2.81
N VAL A 92 -15.15 -27.06 -2.60
CA VAL A 92 -15.10 -28.47 -2.97
C VAL A 92 -16.25 -29.33 -2.40
N ASP A 93 -16.42 -29.30 -1.08
CA ASP A 93 -17.47 -30.10 -0.43
C ASP A 93 -18.82 -29.39 -0.35
N ARG A 94 -19.01 -28.34 -1.16
CA ARG A 94 -20.24 -27.57 -1.16
C ARG A 94 -20.76 -27.31 -2.57
N PRO A 95 -21.22 -28.37 -3.25
CA PRO A 95 -21.75 -28.23 -4.62
C PRO A 95 -22.61 -27.02 -4.90
N THR A 96 -23.63 -26.82 -4.12
CA THR A 96 -24.52 -25.67 -4.35
C THR A 96 -23.78 -24.32 -4.36
N LEU A 97 -22.80 -24.15 -3.48
CA LEU A 97 -22.02 -22.90 -3.47
C LEU A 97 -21.05 -22.89 -4.64
N LEU A 98 -20.41 -24.04 -4.83
CA LEU A 98 -19.45 -24.19 -5.93
C LEU A 98 -20.01 -23.71 -7.26
N LYS A 99 -21.25 -24.04 -7.50
CA LYS A 99 -21.88 -23.68 -8.75
C LYS A 99 -22.14 -22.21 -8.92
N HIS A 100 -22.22 -21.52 -7.78
CA HIS A 100 -22.49 -20.10 -7.77
C HIS A 100 -21.23 -19.29 -7.69
N THR A 101 -20.04 -19.94 -7.91
CA THR A 101 -18.81 -19.21 -7.81
C THR A 101 -18.89 -17.87 -8.49
N ASP A 102 -19.34 -17.85 -9.74
CA ASP A 102 -19.37 -16.59 -10.47
C ASP A 102 -20.27 -15.57 -9.80
N ASP A 103 -21.39 -16.01 -9.25
CA ASP A 103 -22.27 -15.05 -8.60
C ASP A 103 -21.65 -14.43 -7.36
N PHE A 104 -21.00 -15.21 -6.54
CA PHE A 104 -20.33 -14.75 -5.33
C PHE A 104 -19.30 -13.71 -5.72
N LEU A 105 -18.46 -14.00 -6.75
CA LEU A 105 -17.45 -13.04 -7.18
C LEU A 105 -18.03 -11.76 -7.77
N LYS A 106 -19.10 -11.83 -8.55
CA LYS A 106 -19.68 -10.60 -9.04
C LYS A 106 -20.26 -9.81 -7.88
N ALA A 107 -20.95 -10.51 -6.92
CA ALA A 107 -21.51 -9.82 -5.75
C ALA A 107 -20.37 -9.20 -4.94
N ALA A 108 -19.24 -9.94 -4.79
CA ALA A 108 -18.13 -9.39 -4.02
C ALA A 108 -17.64 -8.07 -4.69
N LYS A 109 -17.52 -8.10 -6.03
CA LYS A 109 -17.06 -6.90 -6.76
C LYS A 109 -18.04 -5.71 -6.71
N ASP A 110 -19.28 -6.04 -6.95
CA ASP A 110 -20.33 -5.02 -6.98
C ASP A 110 -20.64 -4.43 -5.62
N LYS A 111 -20.68 -5.26 -4.59
CA LYS A 111 -21.04 -4.77 -3.23
C LYS A 111 -19.86 -4.41 -2.32
N HIS A 112 -18.69 -4.56 -2.83
CA HIS A 112 -17.44 -4.28 -2.17
C HIS A 112 -17.12 -5.13 -0.95
N VAL A 113 -16.87 -6.41 -1.11
CA VAL A 113 -16.53 -7.32 -0.07
C VAL A 113 -15.41 -8.22 -0.59
N ASN A 114 -14.39 -8.42 0.22
CA ASN A 114 -13.36 -9.38 -0.14
C ASN A 114 -14.10 -10.76 -0.39
N GLU A 115 -13.86 -11.42 -1.54
CA GLU A 115 -14.48 -12.68 -1.93
C GLU A 115 -14.22 -13.80 -0.96
N VAL A 116 -13.08 -13.86 -0.37
CA VAL A 116 -12.79 -14.93 0.62
C VAL A 116 -13.65 -14.71 1.87
N TYR A 117 -13.77 -13.47 2.31
CA TYR A 117 -14.57 -13.19 3.48
C TYR A 117 -16.05 -13.45 3.15
N LEU A 118 -16.48 -13.10 1.94
CA LEU A 118 -17.87 -13.24 1.57
C LEU A 118 -18.30 -14.70 1.54
N ILE A 119 -17.47 -15.54 0.91
CA ILE A 119 -17.72 -16.95 0.79
C ILE A 119 -17.59 -17.64 2.12
N SER A 120 -16.63 -17.24 2.96
CA SER A 120 -16.50 -17.84 4.27
C SER A 120 -17.82 -17.63 5.04
N HIS A 121 -18.49 -16.48 4.84
CA HIS A 121 -19.79 -16.27 5.44
C HIS A 121 -20.82 -17.25 4.87
N ALA A 122 -20.79 -17.52 3.58
CA ALA A 122 -21.74 -18.46 3.01
C ALA A 122 -21.47 -19.91 3.44
N LEU A 123 -20.19 -20.29 3.48
CA LEU A 123 -19.69 -21.60 3.83
C LEU A 123 -20.06 -21.94 5.23
N LEU A 124 -19.63 -21.10 6.16
CA LEU A 124 -19.92 -21.29 7.57
C LEU A 124 -21.37 -20.92 7.94
N GLU A 125 -22.23 -20.58 6.96
CA GLU A 125 -23.61 -20.24 7.30
C GLU A 125 -24.71 -21.07 6.63
N THR A 126 -24.35 -21.93 5.67
CA THR A 126 -25.33 -22.79 5.04
C THR A 126 -25.08 -24.23 5.53
N GLY A 127 -24.31 -24.39 6.62
CA GLY A 127 -23.98 -25.71 7.14
C GLY A 127 -25.15 -26.46 7.74
N ALA A 128 -24.96 -27.77 7.96
CA ALA A 128 -25.98 -28.63 8.53
C ALA A 128 -27.38 -28.32 7.97
N VAL A 129 -28.33 -28.00 8.86
CA VAL A 129 -29.71 -27.66 8.53
C VAL A 129 -29.85 -26.41 7.68
N LYS A 130 -29.01 -25.40 7.92
CA LYS A 130 -29.11 -24.15 7.18
C LYS A 130 -28.93 -24.29 5.68
N SER A 131 -28.39 -25.41 5.21
CA SER A 131 -28.21 -25.58 3.78
C SER A 131 -29.53 -25.47 3.06
N GLU A 132 -30.59 -25.67 3.73
CA GLU A 132 -31.86 -25.61 3.07
C GLU A 132 -32.24 -24.20 2.72
N LEU A 133 -31.69 -23.24 3.44
CA LEU A 133 -31.90 -21.85 3.07
C LEU A 133 -31.25 -21.61 1.71
N ALA A 134 -30.05 -22.19 1.49
CA ALA A 134 -29.42 -22.04 0.19
C ALA A 134 -30.19 -22.75 -0.94
N ASN A 135 -30.83 -23.91 -0.66
CA ASN A 135 -31.60 -24.63 -1.65
C ASN A 135 -32.96 -24.02 -1.91
N GLY A 136 -33.42 -23.19 -0.96
CA GLY A 136 -34.72 -22.58 -1.13
C GLY A 136 -35.71 -23.22 -0.18
N VAL A 137 -36.64 -22.42 0.30
CA VAL A 137 -37.67 -22.84 1.22
C VAL A 137 -38.95 -22.26 0.65
N GLU A 138 -40.00 -23.03 0.62
CA GLU A 138 -41.21 -22.51 0.04
C GLU A 138 -42.01 -21.79 1.04
N ILE A 139 -42.81 -20.83 0.62
CA ILE A 139 -43.65 -20.06 1.49
C ILE A 139 -44.76 -19.39 0.70
N ASP A 140 -46.01 -19.72 1.03
CA ASP A 140 -47.18 -19.16 0.36
C ASP A 140 -47.07 -19.14 -1.15
N GLY A 141 -46.59 -20.21 -1.74
CA GLY A 141 -46.52 -20.24 -3.19
C GLY A 141 -45.13 -20.08 -3.74
N LYS A 142 -44.56 -18.89 -3.62
CA LYS A 142 -43.24 -18.65 -4.15
C LYS A 142 -42.18 -19.42 -3.39
N LYS A 143 -40.97 -19.19 -3.69
CA LYS A 143 -39.87 -19.85 -3.01
C LYS A 143 -38.78 -18.86 -2.74
N TYR A 144 -37.99 -19.02 -1.68
CA TYR A 144 -37.00 -18.03 -1.28
C TYR A 144 -35.65 -18.56 -0.83
N TYR A 145 -34.57 -17.83 -1.10
CA TYR A 145 -33.23 -18.30 -0.75
C TYR A 145 -32.42 -17.40 0.18
N ASN A 146 -31.51 -17.98 0.92
CA ASN A 146 -30.66 -17.27 1.83
C ASN A 146 -29.31 -17.88 1.90
N PHE A 147 -28.35 -17.21 1.36
CA PHE A 147 -27.03 -17.77 1.33
C PHE A 147 -26.08 -17.43 2.46
N TYR A 148 -26.46 -16.57 3.36
CA TYR A 148 -25.58 -16.26 4.46
C TYR A 148 -26.21 -16.35 5.80
N GLY A 149 -27.38 -16.93 5.88
CA GLY A 149 -28.04 -17.10 7.15
C GLY A 149 -28.51 -15.79 7.73
N VAL A 150 -28.93 -14.90 6.87
CA VAL A 150 -29.35 -13.59 7.27
C VAL A 150 -30.64 -13.59 7.97
N GLY A 151 -30.57 -13.21 9.21
CA GLY A 151 -31.75 -13.14 10.02
C GLY A 151 -32.22 -14.48 10.52
N ALA A 152 -31.39 -15.47 10.49
CA ALA A 152 -31.72 -16.80 10.92
C ALA A 152 -31.39 -17.01 12.34
N LEU A 153 -32.36 -16.90 13.15
CA LEU A 153 -32.18 -17.06 14.57
C LEU A 153 -31.77 -18.43 14.91
N ASP A 154 -30.84 -18.58 15.83
CA ASP A 154 -30.46 -19.91 16.13
C ASP A 154 -31.66 -20.86 16.61
N LYS A 155 -32.65 -20.36 17.37
CA LYS A 155 -33.77 -21.21 17.78
C LYS A 155 -34.51 -21.85 16.63
N ASP A 156 -34.80 -21.04 15.62
CA ASP A 156 -35.58 -21.46 14.47
C ASP A 156 -35.03 -20.90 13.17
N PRO A 157 -33.88 -21.41 12.77
CA PRO A 157 -33.21 -20.97 11.54
C PRO A 157 -33.97 -20.94 10.22
N ILE A 158 -34.63 -22.02 9.86
CA ILE A 158 -35.31 -22.07 8.58
C ILE A 158 -36.46 -21.13 8.50
N LYS A 159 -37.29 -21.10 9.50
CA LYS A 159 -38.42 -20.20 9.46
C LYS A 159 -37.97 -18.78 9.49
N THR A 160 -37.01 -18.47 10.34
CA THR A 160 -36.62 -17.07 10.34
C THR A 160 -35.79 -16.70 9.11
N GLY A 161 -34.77 -17.50 8.81
CA GLY A 161 -33.95 -17.25 7.63
C GLY A 161 -34.79 -17.13 6.37
N ALA A 162 -35.77 -18.07 6.20
CA ALA A 162 -36.61 -18.01 5.01
C ALA A 162 -37.53 -16.86 4.98
N GLU A 163 -38.09 -16.52 6.16
CA GLU A 163 -39.02 -15.40 6.21
C GLU A 163 -38.25 -14.11 5.98
N TYR A 164 -37.04 -14.04 6.51
CA TYR A 164 -36.22 -12.85 6.20
C TYR A 164 -36.04 -12.75 4.67
N ALA A 165 -35.63 -13.86 4.05
CA ALA A 165 -35.45 -13.89 2.61
C ALA A 165 -36.71 -13.38 1.89
N LYS A 166 -37.89 -13.91 2.30
CA LYS A 166 -39.18 -13.54 1.76
C LYS A 166 -39.39 -12.08 1.93
N LYS A 167 -39.13 -11.57 3.14
CA LYS A 167 -39.29 -10.17 3.36
C LYS A 167 -38.40 -9.37 2.41
N HIS A 168 -37.19 -9.86 2.12
CA HIS A 168 -36.34 -9.10 1.22
C HIS A 168 -36.41 -9.45 -0.27
N GLY A 169 -37.51 -10.14 -0.68
CA GLY A 169 -37.70 -10.50 -2.08
C GLY A 169 -36.62 -11.38 -2.68
N TRP A 170 -35.93 -12.16 -1.85
CA TRP A 170 -34.89 -13.06 -2.33
C TRP A 170 -35.53 -14.34 -2.91
N ASP A 171 -36.31 -14.17 -4.01
CA ASP A 171 -36.94 -15.33 -4.66
C ASP A 171 -36.06 -16.10 -5.67
N THR A 172 -34.79 -15.68 -5.86
CA THR A 172 -33.83 -16.38 -6.69
C THR A 172 -32.50 -16.47 -5.94
N PRO A 173 -31.74 -17.53 -6.16
CA PRO A 173 -30.44 -17.66 -5.47
C PRO A 173 -29.52 -16.46 -5.80
N GLU A 174 -29.66 -15.87 -7.01
CA GLU A 174 -28.84 -14.75 -7.45
C GLU A 174 -29.22 -13.49 -6.65
N LYS A 175 -30.54 -13.23 -6.51
CA LYS A 175 -30.99 -12.14 -5.68
C LYS A 175 -30.48 -12.30 -4.22
N ALA A 176 -30.55 -13.54 -3.65
CA ALA A 176 -30.09 -13.78 -2.28
C ALA A 176 -28.56 -13.56 -2.19
N ILE A 177 -27.83 -14.01 -3.21
CA ILE A 177 -26.38 -13.86 -3.13
C ILE A 177 -25.91 -12.39 -3.19
N SER A 178 -26.52 -11.62 -4.07
CA SER A 178 -26.27 -10.21 -4.26
C SER A 178 -26.76 -9.37 -3.11
N GLY A 179 -28.03 -9.54 -2.80
CA GLY A 179 -28.69 -8.86 -1.69
C GLY A 179 -28.01 -9.20 -0.40
N GLY A 180 -27.74 -10.46 -0.24
CA GLY A 180 -27.02 -10.88 0.98
C GLY A 180 -25.62 -10.21 1.09
N ALA A 181 -24.93 -9.96 -0.06
CA ALA A 181 -23.62 -9.33 0.03
C ALA A 181 -23.73 -7.84 0.43
N ASP A 182 -24.76 -7.19 -0.06
CA ASP A 182 -25.07 -5.81 0.25
C ASP A 182 -25.36 -5.83 1.74
N PHE A 183 -25.96 -6.93 2.24
CA PHE A 183 -26.19 -6.93 3.69
C PHE A 183 -24.90 -6.99 4.55
N ILE A 184 -23.99 -7.85 4.14
CA ILE A 184 -22.72 -8.05 4.79
C ILE A 184 -21.95 -6.73 4.76
N HIS A 185 -21.92 -6.02 3.60
CA HIS A 185 -21.23 -4.71 3.55
C HIS A 185 -21.89 -3.74 4.54
N LYS A 186 -23.21 -3.55 4.41
CA LYS A 186 -23.95 -2.66 5.30
C LYS A 186 -23.82 -2.93 6.81
N HIS A 187 -23.75 -4.21 7.17
CA HIS A 187 -23.70 -4.60 8.56
C HIS A 187 -22.33 -4.64 9.11
N PHE A 188 -21.34 -5.26 8.37
CA PHE A 188 -20.00 -5.41 8.96
C PHE A 188 -19.02 -4.36 8.45
N LEU A 189 -19.37 -3.62 7.43
CA LEU A 189 -18.37 -2.72 6.85
C LEU A 189 -18.92 -1.34 6.69
N SER A 190 -19.94 -1.01 7.44
CA SER A 190 -20.57 0.30 7.30
C SER A 190 -19.63 1.49 7.67
N SER A 191 -18.60 1.24 8.44
CA SER A 191 -17.67 2.31 8.82
C SER A 191 -16.34 2.11 8.12
N THR A 192 -15.77 3.23 7.58
CA THR A 192 -14.44 3.20 6.93
C THR A 192 -13.31 2.88 7.91
N ASP A 193 -13.58 3.05 9.25
CA ASP A 193 -12.57 2.73 10.24
C ASP A 193 -12.64 1.26 10.75
N GLN A 194 -13.55 0.43 10.24
CA GLN A 194 -13.73 -0.96 10.66
C GLN A 194 -13.96 -1.88 9.44
N ASN A 195 -12.93 -1.99 8.60
CA ASN A 195 -12.93 -2.80 7.41
C ASN A 195 -11.97 -3.95 7.55
N THR A 196 -11.31 -4.09 8.70
CA THR A 196 -10.45 -5.24 8.95
C THR A 196 -10.92 -5.97 10.21
N LEU A 197 -10.60 -7.26 10.37
CA LEU A 197 -10.94 -8.00 11.62
C LEU A 197 -10.38 -7.23 12.82
N TYR A 198 -9.11 -6.79 12.76
CA TYR A 198 -8.52 -6.02 13.86
C TYR A 198 -9.33 -4.78 14.20
N SER A 199 -9.72 -3.92 13.23
CA SER A 199 -10.43 -2.70 13.56
C SER A 199 -11.88 -3.03 13.89
N MET A 200 -12.47 -4.03 13.21
CA MET A 200 -13.81 -4.43 13.62
C MET A 200 -13.84 -4.75 15.19
N ARG A 201 -12.84 -5.50 15.62
CA ARG A 201 -12.71 -5.90 17.01
C ARG A 201 -12.28 -4.87 18.05
N TRP A 202 -11.36 -3.94 17.73
CA TRP A 202 -10.90 -2.98 18.71
C TRP A 202 -11.27 -1.56 18.46
N ASN A 203 -11.84 -1.26 17.28
CA ASN A 203 -12.21 0.11 16.86
C ASN A 203 -11.19 1.07 17.34
N PRO A 204 -9.88 0.88 16.93
CA PRO A 204 -8.80 1.77 17.40
C PRO A 204 -8.94 3.24 17.05
N LYS A 205 -9.66 3.57 16.01
CA LYS A 205 -9.85 4.94 15.61
C LYS A 205 -11.01 5.62 16.35
N ASN A 206 -11.92 4.88 16.95
CA ASN A 206 -13.03 5.53 17.63
C ASN A 206 -13.13 4.89 18.99
N PRO A 207 -12.20 5.23 19.89
CA PRO A 207 -12.26 4.61 21.23
C PRO A 207 -13.62 4.68 21.89
N GLY A 208 -14.13 3.51 22.26
CA GLY A 208 -15.43 3.41 22.92
C GLY A 208 -16.60 3.10 21.99
N GLU A 209 -16.41 3.15 20.66
CA GLU A 209 -17.51 2.88 19.75
C GLU A 209 -17.66 1.41 19.52
N HIS A 210 -18.67 1.00 18.77
CA HIS A 210 -18.98 -0.43 18.56
C HIS A 210 -17.83 -1.36 18.27
N GLN A 211 -17.72 -2.49 19.02
CA GLN A 211 -16.72 -3.50 18.65
C GLN A 211 -17.55 -4.69 18.26
N TYR A 212 -17.07 -5.50 17.35
CA TYR A 212 -17.86 -6.60 16.82
C TYR A 212 -17.90 -7.85 17.65
N ALA A 213 -17.07 -7.95 18.69
CA ALA A 213 -17.07 -9.11 19.54
C ALA A 213 -16.49 -8.81 20.91
N THR A 214 -16.79 -9.66 21.88
CA THR A 214 -16.25 -9.56 23.22
C THR A 214 -15.13 -10.59 23.43
N ASP A 215 -15.11 -11.61 22.61
CA ASP A 215 -14.05 -12.60 22.72
C ASP A 215 -12.77 -11.94 22.21
N ILE A 216 -11.78 -11.84 23.07
CA ILE A 216 -10.55 -11.20 22.75
C ILE A 216 -9.79 -11.90 21.63
N LYS A 217 -10.12 -13.13 21.36
CA LYS A 217 -9.48 -13.90 20.32
C LYS A 217 -10.30 -13.95 19.04
N TRP A 218 -11.41 -13.23 18.95
CA TRP A 218 -12.26 -13.21 17.78
C TRP A 218 -11.53 -12.88 16.47
N ALA A 219 -10.66 -11.87 16.46
CA ALA A 219 -9.95 -11.52 15.26
C ALA A 219 -8.89 -12.56 14.95
N GLU A 220 -8.18 -13.03 15.97
CA GLU A 220 -7.17 -14.05 15.86
C GLU A 220 -7.69 -15.28 15.20
N SER A 221 -8.82 -15.78 15.66
CA SER A 221 -9.44 -16.97 15.16
C SER A 221 -9.96 -16.80 13.75
N ASN A 222 -10.65 -15.69 13.53
CA ASN A 222 -11.12 -15.41 12.19
C ASN A 222 -9.94 -15.15 11.23
N ALA A 223 -8.83 -14.58 11.67
CA ALA A 223 -7.69 -14.41 10.75
C ALA A 223 -7.10 -15.78 10.38
N THR A 224 -6.92 -16.66 11.36
CA THR A 224 -6.42 -18.02 11.11
C THR A 224 -7.25 -18.68 10.02
N ILE A 225 -8.55 -18.57 10.17
CA ILE A 225 -9.49 -19.11 9.19
C ILE A 225 -9.34 -18.55 7.75
N ILE A 226 -9.26 -17.20 7.65
CA ILE A 226 -9.07 -16.60 6.34
C ILE A 226 -7.70 -17.00 5.75
N ALA A 227 -6.68 -16.96 6.56
CA ALA A 227 -5.31 -17.28 6.19
C ALA A 227 -5.26 -18.70 5.63
N ASP A 228 -5.91 -19.63 6.34
CA ASP A 228 -5.98 -21.03 5.94
C ASP A 228 -6.65 -21.19 4.58
N PHE A 229 -7.77 -20.50 4.39
CA PHE A 229 -8.44 -20.52 3.09
C PHE A 229 -7.49 -20.08 1.94
N TYR A 230 -6.74 -18.96 2.15
CA TYR A 230 -5.84 -18.45 1.11
C TYR A 230 -4.75 -19.49 0.87
N LYS A 231 -4.24 -20.09 1.95
CA LYS A 231 -3.17 -21.07 1.86
C LYS A 231 -3.69 -22.32 1.13
N ASN A 232 -4.96 -22.69 1.38
CA ASN A 232 -5.60 -23.85 0.74
C ASN A 232 -5.75 -23.58 -0.74
N MET A 233 -5.89 -22.32 -1.10
CA MET A 233 -5.98 -21.93 -2.50
C MET A 233 -4.58 -21.71 -3.12
N LYS A 234 -3.52 -21.81 -2.35
CA LYS A 234 -2.15 -21.57 -2.82
C LYS A 234 -1.98 -20.13 -3.35
N THR A 235 -2.54 -19.14 -2.60
CA THR A 235 -2.36 -17.74 -2.98
C THR A 235 -2.35 -16.90 -1.70
N GLU A 236 -2.46 -15.58 -1.79
CA GLU A 236 -2.43 -14.76 -0.59
C GLU A 236 -3.23 -13.52 -0.77
N GLY A 237 -3.43 -12.77 0.32
CA GLY A 237 -4.24 -11.58 0.20
C GLY A 237 -3.48 -10.46 -0.47
N LYS A 238 -4.20 -9.44 -0.91
CA LYS A 238 -3.59 -8.27 -1.51
C LYS A 238 -3.67 -6.96 -0.67
N TYR A 239 -4.91 -6.50 -0.25
CA TYR A 239 -5.06 -5.25 0.46
C TYR A 239 -5.07 -5.44 1.93
N PHE A 240 -4.22 -4.70 2.58
CA PHE A 240 -4.14 -4.75 4.04
C PHE A 240 -4.08 -3.38 4.66
N LYS A 241 -4.68 -3.18 5.84
CA LYS A 241 -4.47 -1.90 6.50
C LYS A 241 -3.96 -2.22 7.89
N TYR A 242 -2.66 -2.06 8.12
CA TYR A 242 -2.04 -2.34 9.39
C TYR A 242 -2.34 -1.18 10.35
N PHE A 243 -2.56 -1.50 11.61
CA PHE A 243 -2.79 -0.51 12.68
C PHE A 243 -1.55 -0.60 13.49
N VAL A 244 -0.87 0.53 13.66
CA VAL A 244 0.40 0.50 14.36
C VAL A 244 0.47 1.49 15.50
N TYR A 245 0.83 1.06 16.70
CA TYR A 245 0.94 1.97 17.83
C TYR A 245 2.22 2.76 17.83
N LYS A 246 2.13 3.97 18.38
CA LYS A 246 3.24 4.89 18.39
C LYS A 246 4.52 4.44 19.07
N ASP A 247 4.47 3.36 19.85
CA ASP A 247 5.66 2.87 20.53
C ASP A 247 6.18 1.60 19.87
N ASP A 248 5.67 1.30 18.67
CA ASP A 248 6.11 0.14 17.93
C ASP A 248 7.19 0.53 16.92
N SER A 249 8.45 0.51 17.35
CA SER A 249 9.59 0.88 16.52
C SER A 249 9.67 0.10 15.22
N LYS A 250 9.68 -1.22 15.34
CA LYS A 250 9.77 -2.14 14.20
C LYS A 250 8.81 -1.83 13.04
N HIS A 251 7.74 -1.07 13.31
CA HIS A 251 6.76 -0.74 12.28
C HIS A 251 6.31 0.71 12.19
N LEU A 252 6.59 1.55 13.20
CA LEU A 252 6.12 2.92 13.15
C LEU A 252 6.58 3.68 11.93
N ASN A 253 7.72 3.29 11.37
CA ASN A 253 8.18 3.98 10.19
C ASN A 253 7.85 3.18 8.95
N LYS A 254 8.48 2.00 8.80
CA LYS A 254 8.27 1.08 7.69
C LYS A 254 7.38 1.60 6.56
N ALA B 4 9.20 22.58 13.98
CA ALA B 4 7.91 21.99 14.24
C ALA B 4 8.08 20.68 14.92
N ALA B 5 7.02 19.91 15.09
CA ALA B 5 7.19 18.59 15.64
C ALA B 5 7.24 17.67 14.44
N PHE B 6 7.73 16.44 14.59
CA PHE B 6 7.81 15.48 13.52
C PHE B 6 6.46 15.05 13.05
N LYS B 7 6.20 14.98 11.79
CA LYS B 7 4.91 14.58 11.27
C LYS B 7 4.94 13.17 10.68
N HIS B 8 4.39 12.18 11.42
CA HIS B 8 4.38 10.84 10.93
C HIS B 8 3.31 10.79 9.86
N VAL B 9 3.46 9.91 8.90
CA VAL B 9 2.52 9.86 7.81
C VAL B 9 2.05 8.48 7.70
N LYS B 10 0.85 8.35 7.21
CA LYS B 10 0.15 7.11 6.98
C LYS B 10 0.64 6.53 5.67
N SER B 11 1.55 5.57 5.69
CA SER B 11 2.11 5.00 4.47
C SER B 11 1.17 4.24 3.54
N ASP B 12 1.41 4.32 2.23
CA ASP B 12 0.69 3.56 1.26
C ASP B 12 1.80 2.83 0.48
N ILE B 13 1.96 1.56 0.74
CA ILE B 13 3.01 0.71 0.21
C ILE B 13 2.56 -0.42 -0.73
N LYS B 14 3.19 -0.48 -1.90
CA LYS B 14 2.92 -1.56 -2.80
C LYS B 14 4.15 -2.50 -2.71
N ILE B 15 3.92 -3.78 -2.68
CA ILE B 15 5.04 -4.70 -2.59
C ILE B 15 5.14 -5.52 -3.87
N GLU B 16 6.10 -5.14 -4.71
CA GLU B 16 6.28 -5.86 -5.97
C GLU B 16 7.08 -7.15 -5.71
N LYS B 17 6.43 -8.28 -5.78
CA LYS B 17 7.03 -9.57 -5.53
C LYS B 17 7.59 -10.07 -6.84
N LEU B 18 8.91 -10.02 -6.93
CA LEU B 18 9.54 -10.45 -8.16
C LEU B 18 9.68 -11.94 -8.17
N ASN B 19 9.27 -12.52 -9.28
CA ASN B 19 9.37 -13.97 -9.48
C ASN B 19 10.82 -14.49 -9.77
N VAL B 20 11.87 -13.98 -9.06
CA VAL B 20 13.26 -14.39 -9.25
C VAL B 20 14.00 -14.11 -7.96
N THR B 21 15.00 -14.92 -7.60
CA THR B 21 15.84 -14.72 -6.43
C THR B 21 16.81 -13.55 -6.70
N LEU B 22 17.39 -12.97 -5.66
CA LEU B 22 18.33 -11.86 -5.86
C LEU B 22 19.45 -12.38 -6.81
N ASN B 23 19.84 -13.66 -6.62
CA ASN B 23 20.91 -14.28 -7.42
C ASN B 23 20.57 -14.38 -8.88
N ASP B 24 19.35 -14.82 -9.20
CA ASP B 24 18.96 -14.85 -10.58
C ASP B 24 18.76 -13.46 -11.18
N ALA B 25 18.40 -12.49 -10.34
CA ALA B 25 18.24 -11.09 -10.81
C ALA B 25 19.65 -10.53 -11.16
N ALA B 26 20.63 -10.82 -10.31
CA ALA B 26 21.99 -10.37 -10.54
C ALA B 26 22.59 -11.02 -11.82
N LYS B 27 22.24 -12.27 -12.09
CA LYS B 27 22.61 -13.01 -13.30
C LYS B 27 21.98 -12.32 -14.51
N LYS B 28 20.67 -11.96 -14.42
CA LYS B 28 20.09 -11.27 -15.57
C LYS B 28 20.76 -9.93 -15.75
N GLN B 29 21.01 -9.22 -14.67
CA GLN B 29 21.68 -7.94 -14.74
C GLN B 29 22.99 -8.02 -15.50
N ILE B 30 23.83 -8.95 -15.10
CA ILE B 30 25.19 -8.90 -15.77
C ILE B 30 25.10 -9.29 -17.22
N ASN B 31 24.09 -10.12 -17.50
CA ASN B 31 23.81 -10.58 -18.83
C ASN B 31 22.97 -9.64 -19.68
N ASN B 32 22.45 -8.55 -19.08
CA ASN B 32 21.66 -7.67 -19.95
C ASN B 32 22.24 -6.31 -20.12
N TYR B 33 23.27 -5.99 -19.32
CA TYR B 33 23.89 -4.65 -19.37
C TYR B 33 25.40 -4.77 -19.42
N THR B 34 26.08 -3.67 -19.70
CA THR B 34 27.55 -3.47 -19.74
C THR B 34 27.97 -2.19 -19.04
N SER B 35 29.25 -2.09 -18.72
CA SER B 35 29.80 -0.93 -18.06
C SER B 35 29.26 -0.54 -16.63
N GLN B 36 28.89 -1.46 -15.82
CA GLN B 36 28.43 -1.14 -14.51
C GLN B 36 29.67 -0.68 -13.86
N GLN B 37 29.60 0.45 -13.26
CA GLN B 37 30.73 1.07 -12.60
C GLN B 37 30.44 1.38 -11.10
N VAL B 38 31.47 1.82 -10.41
CA VAL B 38 31.46 2.14 -8.99
C VAL B 38 32.65 3.06 -8.67
N SER B 39 32.62 3.73 -7.53
CA SER B 39 33.75 4.59 -7.20
C SER B 39 34.83 3.82 -6.50
N ASN B 40 36.09 4.30 -6.55
CA ASN B 40 37.18 3.62 -5.85
C ASN B 40 37.25 4.07 -4.41
N LYS B 41 36.98 5.35 -4.13
CA LYS B 41 36.96 5.95 -2.79
C LYS B 41 36.65 7.43 -2.99
N LYS B 42 37.56 8.12 -3.69
CA LYS B 42 37.38 9.51 -4.00
C LYS B 42 36.39 9.61 -5.16
N ASN B 43 35.47 10.55 -5.13
CA ASN B 43 34.51 10.73 -6.21
C ASN B 43 35.21 11.27 -7.44
N ASP B 44 34.65 11.02 -8.64
CA ASP B 44 35.32 11.44 -9.86
C ASP B 44 36.61 10.64 -9.91
N ALA B 45 36.40 9.30 -9.92
CA ALA B 45 37.43 8.26 -9.95
C ALA B 45 36.72 6.89 -10.01
N TRP B 46 36.08 6.64 -11.16
CA TRP B 46 35.30 5.44 -11.46
C TRP B 46 36.11 4.18 -11.73
N ARG B 47 35.41 3.04 -11.70
CA ARG B 47 36.04 1.76 -11.98
C ARG B 47 34.95 0.74 -12.23
N ASP B 48 35.33 -0.40 -12.79
CA ASP B 48 34.39 -1.45 -13.08
C ASP B 48 33.86 -2.07 -11.83
N ALA B 49 32.55 -2.36 -11.79
CA ALA B 49 32.01 -3.03 -10.61
C ALA B 49 32.07 -4.51 -10.79
N SER B 50 32.33 -5.22 -9.71
CA SER B 50 32.34 -6.67 -9.76
C SER B 50 30.91 -7.21 -9.62
N ALA B 51 30.70 -8.50 -9.92
CA ALA B 51 29.39 -9.14 -9.83
C ALA B 51 28.88 -9.11 -8.44
N THR B 52 29.80 -9.25 -7.48
CA THR B 52 29.50 -9.24 -6.07
C THR B 52 28.96 -7.89 -5.68
N GLU B 53 29.63 -6.83 -6.13
CA GLU B 53 29.19 -5.47 -5.88
C GLU B 53 27.86 -5.15 -6.54
N ILE B 54 27.62 -5.66 -7.76
CA ILE B 54 26.37 -5.43 -8.47
C ILE B 54 25.26 -6.07 -7.64
N LYS B 55 25.50 -7.30 -7.14
CA LYS B 55 24.55 -8.04 -6.32
C LYS B 55 24.18 -7.28 -5.07
N SER B 56 25.19 -6.79 -4.36
CA SER B 56 24.98 -6.00 -3.15
C SER B 56 24.24 -4.73 -3.47
N ALA B 57 24.56 -4.09 -4.57
CA ALA B 57 23.88 -2.87 -4.94
C ALA B 57 22.43 -3.14 -5.34
N MET B 58 22.08 -4.43 -5.72
CA MET B 58 20.72 -4.75 -6.10
C MET B 58 19.89 -5.32 -4.97
N ASP B 59 20.51 -5.53 -3.84
CA ASP B 59 19.88 -6.19 -2.70
C ASP B 59 18.78 -5.38 -1.97
N SER B 60 17.54 -5.43 -2.47
CA SER B 60 16.50 -4.65 -1.84
C SER B 60 16.25 -5.09 -0.42
N GLY B 61 16.57 -6.34 -0.10
CA GLY B 61 16.40 -6.84 1.26
C GLY B 61 17.04 -5.91 2.27
N THR B 62 18.29 -5.55 2.02
CA THR B 62 19.03 -4.64 2.88
C THR B 62 18.50 -3.21 2.90
N PHE B 63 18.22 -2.63 1.73
CA PHE B 63 17.75 -1.25 1.65
C PHE B 63 16.44 -0.99 2.36
N ILE B 64 15.51 -1.90 2.18
CA ILE B 64 14.18 -1.83 2.79
C ILE B 64 14.24 -1.64 4.31
N ASP B 65 15.21 -2.29 4.96
CA ASP B 65 15.40 -2.22 6.41
C ASP B 65 16.22 -1.01 6.84
N ASN B 66 16.69 -0.20 5.89
CA ASN B 66 17.47 0.98 6.24
C ASN B 66 16.60 2.26 6.21
N GLU B 67 16.73 3.09 7.26
CA GLU B 67 15.94 4.32 7.41
C GLU B 67 16.09 5.23 6.23
N LYS B 68 17.29 5.26 5.66
CA LYS B 68 17.48 6.12 4.49
C LYS B 68 17.31 5.43 3.15
N GLN B 69 17.84 4.20 3.03
CA GLN B 69 17.80 3.41 1.79
C GLN B 69 16.42 2.98 1.42
N LYS B 70 15.44 3.07 2.35
CA LYS B 70 14.11 2.72 1.93
C LYS B 70 13.55 3.76 0.97
N TYR B 71 14.16 4.93 0.90
CA TYR B 71 13.74 5.99 0.00
C TYR B 71 14.14 5.61 -1.46
N GLN B 72 14.95 4.56 -1.61
CA GLN B 72 15.14 4.01 -2.99
C GLN B 72 13.78 3.50 -3.60
N PHE B 73 12.77 3.23 -2.71
CA PHE B 73 11.46 2.74 -3.07
C PHE B 73 10.41 3.80 -2.98
N LEU B 74 10.80 5.09 -2.71
CA LEU B 74 9.81 6.14 -2.66
C LEU B 74 9.20 6.30 -3.99
N ASP B 75 7.87 6.33 -4.09
CA ASP B 75 7.27 6.50 -5.40
C ASP B 75 7.40 7.94 -5.89
N LEU B 76 8.27 8.19 -6.86
CA LEU B 76 8.61 9.53 -7.36
C LEU B 76 7.58 10.05 -8.27
N SER B 77 6.62 9.27 -8.57
CA SER B 77 5.55 9.77 -9.42
C SER B 77 4.25 10.20 -8.68
N LYS B 78 4.25 10.22 -7.36
CA LYS B 78 3.06 10.59 -6.59
C LYS B 78 3.26 11.82 -5.74
N TYR B 79 2.51 12.86 -6.05
CA TYR B 79 2.54 14.07 -5.25
C TYR B 79 2.07 13.63 -3.82
N GLN B 80 2.78 14.02 -2.82
CA GLN B 80 2.49 13.65 -1.42
C GLN B 80 1.50 14.57 -0.70
N GLY B 81 1.69 15.90 -0.87
CA GLY B 81 0.89 16.87 -0.15
C GLY B 81 1.53 17.33 1.14
N ILE B 82 2.85 17.33 1.23
CA ILE B 82 3.59 17.79 2.39
C ILE B 82 3.27 19.26 2.57
N ASP B 83 3.12 19.64 3.81
CA ASP B 83 2.81 21.03 4.16
C ASP B 83 3.76 22.01 3.49
N LYS B 84 3.25 23.07 2.87
CA LYS B 84 4.11 24.04 2.21
C LYS B 84 5.17 24.68 3.14
N ASN B 85 4.87 24.82 4.46
CA ASN B 85 5.84 25.38 5.38
C ASN B 85 6.96 24.41 5.60
N ARG B 86 6.69 23.10 5.45
CA ARG B 86 7.81 22.19 5.59
C ARG B 86 8.70 22.20 4.33
N ILE B 87 8.07 22.36 3.14
CA ILE B 87 8.81 22.37 1.88
C ILE B 87 9.84 23.48 1.89
N LYS B 88 9.43 24.66 2.32
CA LYS B 88 10.37 25.77 2.42
C LYS B 88 11.69 25.47 3.15
N CYS B 89 11.72 24.48 4.09
CA CYS B 89 12.97 24.17 4.78
C CYS B 89 13.99 23.70 3.76
N MET B 90 13.53 23.07 2.68
CA MET B 90 14.41 22.64 1.62
C MET B 90 14.93 23.86 0.86
N LEU B 91 14.19 24.99 0.96
CA LEU B 91 14.53 26.18 0.16
C LEU B 91 14.93 27.44 0.89
N VAL B 92 15.16 27.36 2.20
CA VAL B 92 15.54 28.52 3.01
C VAL B 92 16.69 29.38 2.44
N ASP B 93 17.75 28.73 1.95
CA ASP B 93 18.89 29.45 1.41
C ASP B 93 18.85 29.62 -0.11
N ARG B 94 17.65 29.57 -0.71
CA ARG B 94 17.53 29.68 -2.15
C ARG B 94 16.39 30.62 -2.43
N PRO B 95 16.65 31.95 -2.40
CA PRO B 95 15.54 32.86 -2.65
C PRO B 95 14.80 32.68 -3.93
N THR B 96 15.50 32.39 -5.03
CA THR B 96 14.75 32.29 -6.30
C THR B 96 13.74 31.17 -6.29
N LEU B 97 14.14 30.06 -5.69
CA LEU B 97 13.25 28.89 -5.59
C LEU B 97 12.12 29.08 -4.57
N LEU B 98 12.51 29.58 -3.43
CA LEU B 98 11.61 29.81 -2.31
C LEU B 98 10.45 30.67 -2.71
N LYS B 99 10.73 31.71 -3.50
CA LYS B 99 9.63 32.56 -3.92
C LYS B 99 8.66 31.84 -4.85
N HIS B 100 9.07 30.67 -5.45
CA HIS B 100 8.08 30.00 -6.28
C HIS B 100 7.64 28.70 -5.64
N THR B 101 7.68 28.58 -4.35
CA THR B 101 7.33 27.35 -3.64
C THR B 101 5.96 26.89 -4.08
N ASP B 102 4.96 27.80 -4.09
CA ASP B 102 3.64 27.37 -4.53
C ASP B 102 3.58 26.80 -5.95
N ASP B 103 4.35 27.41 -6.85
CA ASP B 103 4.36 26.95 -8.24
C ASP B 103 4.93 25.57 -8.32
N PHE B 104 5.96 25.26 -7.50
CA PHE B 104 6.54 23.94 -7.50
C PHE B 104 5.54 22.92 -7.01
N LEU B 105 4.80 23.28 -5.94
CA LEU B 105 3.88 22.25 -5.41
C LEU B 105 2.69 22.00 -6.30
N LYS B 106 2.19 23.06 -6.91
CA LYS B 106 1.11 23.04 -7.87
C LYS B 106 1.54 22.20 -9.11
N ALA B 107 2.78 22.41 -9.54
CA ALA B 107 3.37 21.67 -10.67
C ALA B 107 3.54 20.12 -10.32
N ALA B 108 4.07 19.80 -9.15
CA ALA B 108 4.24 18.47 -8.61
C ALA B 108 2.87 17.70 -8.61
N LYS B 109 1.83 18.33 -8.12
CA LYS B 109 0.44 17.79 -8.05
C LYS B 109 -0.15 17.62 -9.46
N ASP B 110 -0.06 18.68 -10.27
CA ASP B 110 -0.58 18.62 -11.63
C ASP B 110 0.14 17.66 -12.61
N LYS B 111 1.44 17.55 -12.50
CA LYS B 111 2.21 16.74 -13.45
C LYS B 111 2.59 15.40 -12.87
N HIS B 112 2.16 15.16 -11.62
CA HIS B 112 2.47 13.88 -10.95
C HIS B 112 3.92 13.60 -10.70
N VAL B 113 4.51 14.38 -9.88
CA VAL B 113 5.92 14.17 -9.51
C VAL B 113 6.01 14.37 -7.97
N ASN B 114 6.59 13.42 -7.22
CA ASN B 114 6.83 13.64 -5.80
C ASN B 114 7.50 15.08 -5.66
N GLU B 115 6.97 15.95 -4.80
CA GLU B 115 7.46 17.31 -4.70
C GLU B 115 8.85 17.41 -4.15
N VAL B 116 9.27 16.46 -3.30
CA VAL B 116 10.68 16.51 -2.82
C VAL B 116 11.62 16.17 -4.03
N TYR B 117 11.31 15.08 -4.73
CA TYR B 117 12.11 14.78 -5.93
C TYR B 117 12.14 15.99 -6.95
N LEU B 118 10.96 16.52 -7.29
CA LEU B 118 10.85 17.68 -8.19
C LEU B 118 11.71 18.83 -7.78
N ILE B 119 11.61 19.25 -6.48
CA ILE B 119 12.42 20.32 -5.94
C ILE B 119 13.93 19.99 -5.89
N SER B 120 14.29 18.76 -5.59
CA SER B 120 15.69 18.32 -5.60
C SER B 120 16.28 18.58 -6.97
N HIS B 121 15.53 18.25 -8.02
CA HIS B 121 16.01 18.47 -9.41
C HIS B 121 16.15 19.96 -9.64
N ALA B 122 15.13 20.80 -9.22
CA ALA B 122 15.35 22.23 -9.38
C ALA B 122 16.60 22.71 -8.62
N LEU B 123 16.81 22.27 -7.36
CA LEU B 123 17.98 22.68 -6.56
C LEU B 123 19.32 22.43 -7.26
N LEU B 124 19.47 21.21 -7.72
CA LEU B 124 20.64 20.75 -8.42
C LEU B 124 20.80 21.51 -9.72
N GLU B 125 19.68 21.92 -10.34
CA GLU B 125 19.88 22.60 -11.62
C GLU B 125 19.79 24.11 -11.58
N THR B 126 19.74 24.69 -10.42
CA THR B 126 19.71 26.15 -10.35
C THR B 126 20.80 26.66 -9.47
N GLY B 127 21.76 25.81 -9.21
CA GLY B 127 22.88 26.19 -8.39
C GLY B 127 23.84 26.98 -9.24
N ALA B 128 24.91 27.46 -8.61
CA ALA B 128 25.98 28.23 -9.20
C ALA B 128 25.57 28.90 -10.51
N VAL B 129 26.20 28.52 -11.62
CA VAL B 129 25.88 29.11 -12.93
C VAL B 129 24.39 29.16 -13.30
N LYS B 130 23.75 27.97 -13.26
CA LYS B 130 22.36 27.84 -13.67
C LYS B 130 21.34 28.64 -12.85
N SER B 131 21.76 29.30 -11.74
CA SER B 131 20.77 30.10 -11.03
C SER B 131 20.32 31.20 -11.95
N GLU B 132 21.16 31.58 -12.92
CA GLU B 132 20.80 32.64 -13.87
C GLU B 132 19.53 32.25 -14.74
N LEU B 133 19.37 30.98 -15.01
CA LEU B 133 18.23 30.45 -15.76
C LEU B 133 16.96 30.61 -14.96
N ALA B 134 17.03 30.35 -13.65
CA ALA B 134 15.88 30.46 -12.75
C ALA B 134 15.45 31.94 -12.60
N ASN B 135 16.43 32.88 -12.69
CA ASN B 135 16.07 34.27 -12.62
C ASN B 135 15.52 34.89 -13.88
N GLY B 136 15.80 34.30 -15.07
CA GLY B 136 15.26 34.87 -16.30
C GLY B 136 16.40 35.43 -17.13
N VAL B 137 16.48 34.97 -18.34
CA VAL B 137 17.49 35.37 -19.28
C VAL B 137 16.79 36.06 -20.45
N GLU B 138 17.16 37.31 -20.64
CA GLU B 138 16.57 38.08 -21.72
C GLU B 138 17.01 37.67 -23.11
N ILE B 139 16.05 37.57 -24.00
CA ILE B 139 16.33 37.29 -25.40
C ILE B 139 15.38 38.15 -26.18
N ASP B 140 15.91 39.06 -27.00
CA ASP B 140 15.06 39.94 -27.79
C ASP B 140 13.99 40.67 -27.00
N GLY B 141 14.35 41.23 -25.86
CA GLY B 141 13.39 42.00 -25.10
C GLY B 141 12.40 41.22 -24.27
N LYS B 142 12.66 39.90 -24.12
CA LYS B 142 11.77 39.08 -23.32
C LYS B 142 12.56 38.19 -22.40
N LYS B 143 12.04 37.98 -21.19
CA LYS B 143 12.75 37.15 -20.23
C LYS B 143 12.24 35.71 -20.39
N TYR B 144 13.15 34.74 -20.27
CA TYR B 144 12.78 33.31 -20.39
C TYR B 144 13.36 32.57 -19.20
N TYR B 145 12.63 31.54 -18.71
CA TYR B 145 13.03 30.88 -17.48
C TYR B 145 13.17 29.40 -17.62
N ASN B 146 13.96 28.81 -16.73
CA ASN B 146 14.21 27.40 -16.79
C ASN B 146 14.66 27.00 -15.42
N PHE B 147 13.87 26.07 -14.78
CA PHE B 147 14.23 25.74 -13.39
C PHE B 147 14.80 24.36 -13.27
N TYR B 148 14.96 23.61 -14.35
CA TYR B 148 15.50 22.28 -14.20
C TYR B 148 16.67 21.99 -15.20
N GLY B 149 17.34 23.05 -15.67
CA GLY B 149 18.47 22.87 -16.60
C GLY B 149 18.04 22.11 -17.84
N VAL B 150 16.79 22.31 -18.28
CA VAL B 150 16.25 21.50 -19.39
C VAL B 150 16.87 22.02 -20.69
N GLY B 151 17.53 21.13 -21.47
CA GLY B 151 18.17 21.51 -22.72
C GLY B 151 19.42 22.37 -22.52
N ALA B 152 19.90 22.43 -21.29
CA ALA B 152 21.04 23.25 -20.93
C ALA B 152 22.31 22.46 -21.02
N LEU B 153 23.06 22.65 -22.10
CA LEU B 153 24.32 21.90 -22.22
C LEU B 153 25.40 22.44 -21.32
N ASP B 154 26.15 21.54 -20.71
CA ASP B 154 27.27 21.89 -19.82
C ASP B 154 28.24 22.88 -20.43
N LYS B 155 28.43 22.79 -21.75
CA LYS B 155 29.40 23.67 -22.41
C LYS B 155 28.90 25.05 -22.73
N ASP B 156 27.58 25.26 -22.68
CA ASP B 156 27.02 26.56 -23.02
C ASP B 156 25.63 26.50 -22.33
N PRO B 157 25.62 26.41 -20.99
CA PRO B 157 24.36 26.31 -20.23
C PRO B 157 23.39 27.41 -20.32
N ILE B 158 23.84 28.67 -20.21
CA ILE B 158 22.94 29.76 -20.19
C ILE B 158 22.32 29.94 -21.56
N LYS B 159 23.15 29.99 -22.64
CA LYS B 159 22.56 30.18 -23.94
C LYS B 159 21.63 29.02 -24.31
N THR B 160 22.05 27.77 -24.12
CA THR B 160 21.18 26.66 -24.53
C THR B 160 19.94 26.53 -23.63
N GLY B 161 20.11 26.67 -22.31
CA GLY B 161 18.98 26.56 -21.39
C GLY B 161 17.93 27.60 -21.72
N ALA B 162 18.38 28.86 -22.01
CA ALA B 162 17.45 29.93 -22.30
C ALA B 162 16.78 29.78 -23.64
N GLU B 163 17.51 29.26 -24.64
CA GLU B 163 16.90 29.06 -25.96
C GLU B 163 15.84 27.96 -25.91
N TYR B 164 16.11 26.94 -25.09
CA TYR B 164 15.15 25.84 -24.93
C TYR B 164 13.88 26.39 -24.32
N ALA B 165 14.04 27.14 -23.25
CA ALA B 165 12.92 27.79 -22.58
C ALA B 165 12.09 28.62 -23.61
N LYS B 166 12.80 29.46 -24.38
CA LYS B 166 12.17 30.30 -25.42
C LYS B 166 11.40 29.42 -26.44
N LYS B 167 12.02 28.33 -26.84
CA LYS B 167 11.45 27.40 -27.80
C LYS B 167 10.14 26.83 -27.24
N HIS B 168 10.14 26.56 -25.93
CA HIS B 168 8.94 26.03 -25.30
C HIS B 168 8.03 27.10 -24.72
N GLY B 169 8.31 28.39 -25.02
CA GLY B 169 7.43 29.44 -24.52
C GLY B 169 7.45 29.67 -23.02
N TRP B 170 8.58 29.29 -22.33
CA TRP B 170 8.60 29.48 -20.87
C TRP B 170 8.94 30.94 -20.56
N ASP B 171 8.01 31.89 -20.85
CA ASP B 171 8.20 33.29 -20.59
C ASP B 171 7.72 33.77 -19.22
N THR B 172 7.36 32.84 -18.32
CA THR B 172 7.05 33.24 -16.95
C THR B 172 7.59 32.11 -16.13
N PRO B 173 7.94 32.39 -14.88
CA PRO B 173 8.46 31.31 -14.06
C PRO B 173 7.50 30.13 -13.87
N GLU B 174 6.20 30.44 -13.76
CA GLU B 174 5.14 29.46 -13.55
C GLU B 174 5.12 28.48 -14.72
N LYS B 175 5.14 29.03 -15.95
CA LYS B 175 5.17 28.17 -17.17
C LYS B 175 6.43 27.27 -17.20
N ALA B 176 7.57 27.82 -16.76
CA ALA B 176 8.81 27.06 -16.71
C ALA B 176 8.74 25.98 -15.65
N ILE B 177 8.10 26.29 -14.51
CA ILE B 177 8.08 25.30 -13.43
C ILE B 177 7.13 24.21 -13.77
N SER B 178 6.01 24.59 -14.36
CA SER B 178 5.02 23.54 -14.66
C SER B 178 5.44 22.74 -15.92
N GLY B 179 5.83 23.45 -16.96
CA GLY B 179 6.35 22.82 -18.18
C GLY B 179 7.55 21.91 -17.88
N GLY B 180 8.49 22.38 -17.06
CA GLY B 180 9.63 21.57 -16.69
C GLY B 180 9.24 20.36 -15.85
N ALA B 181 8.24 20.49 -14.94
CA ALA B 181 7.81 19.32 -14.16
C ALA B 181 7.23 18.27 -15.16
N ASP B 182 6.49 18.75 -16.15
CA ASP B 182 5.97 17.84 -17.18
C ASP B 182 7.18 17.20 -17.88
N PHE B 183 8.22 18.00 -18.21
CA PHE B 183 9.43 17.39 -18.81
C PHE B 183 10.05 16.32 -17.88
N ILE B 184 10.22 16.60 -16.56
CA ILE B 184 10.74 15.63 -15.62
C ILE B 184 9.83 14.30 -15.69
N HIS B 185 8.49 14.45 -15.63
CA HIS B 185 7.65 13.25 -15.68
C HIS B 185 7.86 12.46 -16.95
N LYS B 186 7.74 13.12 -18.08
CA LYS B 186 7.99 12.55 -19.40
C LYS B 186 9.32 11.86 -19.54
N HIS B 187 10.35 12.47 -19.06
CA HIS B 187 11.70 11.88 -19.26
C HIS B 187 12.09 10.88 -18.21
N PHE B 188 11.84 11.21 -16.92
CA PHE B 188 12.22 10.30 -15.83
C PHE B 188 11.17 9.33 -15.29
N LEU B 189 9.89 9.54 -15.57
CA LEU B 189 8.86 8.65 -14.92
C LEU B 189 7.96 8.15 -16.05
N SER B 190 8.49 8.01 -17.28
CA SER B 190 7.59 7.65 -18.36
C SER B 190 7.18 6.18 -18.33
N SER B 191 7.92 5.31 -17.66
CA SER B 191 7.48 3.93 -17.57
C SER B 191 6.76 3.72 -16.23
N THR B 192 5.64 2.98 -16.24
CA THR B 192 4.94 2.65 -14.97
C THR B 192 5.76 1.72 -14.08
N ASP B 193 6.82 1.11 -14.66
CA ASP B 193 7.67 0.15 -13.97
C ASP B 193 8.96 0.83 -13.46
N GLN B 194 9.12 2.14 -13.66
CA GLN B 194 10.33 2.85 -13.25
C GLN B 194 9.94 4.15 -12.60
N ASN B 195 9.32 4.05 -11.47
CA ASN B 195 8.86 5.20 -10.72
C ASN B 195 9.58 5.38 -9.40
N THR B 196 10.53 4.52 -9.10
CA THR B 196 11.32 4.64 -7.88
C THR B 196 12.81 4.66 -8.30
N LEU B 197 13.68 5.11 -7.47
CA LEU B 197 15.12 5.13 -7.75
C LEU B 197 15.59 3.72 -8.04
N TYR B 198 15.15 2.78 -7.22
CA TYR B 198 15.55 1.41 -7.39
C TYR B 198 15.15 0.83 -8.75
N SER B 199 13.92 1.05 -9.19
CA SER B 199 13.48 0.53 -10.49
C SER B 199 14.01 1.38 -11.70
N MET B 200 14.21 2.68 -11.49
CA MET B 200 14.89 3.49 -12.51
C MET B 200 16.29 2.89 -12.75
N ARG B 201 17.01 2.54 -11.70
CA ARG B 201 18.34 1.98 -11.79
C ARG B 201 18.48 0.52 -12.26
N TRP B 202 17.64 -0.33 -11.77
CA TRP B 202 17.70 -1.75 -12.06
C TRP B 202 16.64 -2.30 -12.99
N ASN B 203 15.65 -1.50 -13.38
CA ASN B 203 14.51 -1.94 -14.24
C ASN B 203 14.17 -3.48 -14.01
N PRO B 204 13.93 -3.85 -12.75
CA PRO B 204 13.63 -5.26 -12.39
C PRO B 204 12.54 -5.95 -13.18
N LYS B 205 11.52 -5.22 -13.56
CA LYS B 205 10.41 -5.78 -14.32
C LYS B 205 10.67 -5.92 -15.83
N ASN B 206 11.68 -5.14 -16.37
CA ASN B 206 11.97 -5.23 -17.79
C ASN B 206 13.50 -5.40 -17.99
N PRO B 207 14.04 -6.55 -17.59
CA PRO B 207 15.51 -6.73 -17.76
C PRO B 207 15.84 -6.55 -19.20
N GLY B 208 16.81 -5.73 -19.48
CA GLY B 208 17.12 -5.49 -20.89
C GLY B 208 16.66 -4.12 -21.36
N GLU B 209 15.72 -3.48 -20.61
CA GLU B 209 15.32 -2.12 -21.00
C GLU B 209 16.17 -1.07 -20.31
N HIS B 210 15.98 0.19 -20.62
CA HIS B 210 16.78 1.30 -20.15
C HIS B 210 16.92 1.42 -18.67
N GLN B 211 18.17 1.62 -18.21
CA GLN B 211 18.48 1.84 -16.81
C GLN B 211 18.96 3.27 -16.80
N TYR B 212 18.66 4.03 -15.77
CA TYR B 212 19.01 5.45 -15.73
C TYR B 212 20.46 5.86 -15.36
N ALA B 213 21.29 4.90 -14.97
CA ALA B 213 22.67 5.17 -14.61
C ALA B 213 23.51 3.92 -14.71
N THR B 214 24.87 4.09 -14.78
CA THR B 214 25.77 2.96 -14.78
C THR B 214 26.41 2.80 -13.44
N ASP B 215 26.42 3.90 -12.67
CA ASP B 215 26.99 3.81 -11.34
C ASP B 215 26.10 2.99 -10.49
N ILE B 216 26.60 1.92 -9.92
CA ILE B 216 25.82 0.99 -9.12
C ILE B 216 25.28 1.58 -7.83
N LYS B 217 25.85 2.74 -7.41
CA LYS B 217 25.41 3.39 -6.21
C LYS B 217 24.52 4.58 -6.50
N TRP B 218 24.06 4.75 -7.80
CA TRP B 218 23.25 5.90 -8.09
C TRP B 218 21.93 5.91 -7.26
N ALA B 219 21.23 4.74 -7.11
CA ALA B 219 19.98 4.75 -6.36
C ALA B 219 20.30 4.98 -4.90
N GLU B 220 21.42 4.43 -4.37
CA GLU B 220 21.76 4.68 -2.96
C GLU B 220 22.05 6.12 -2.65
N SER B 221 22.94 6.74 -3.44
CA SER B 221 23.28 8.13 -3.26
C SER B 221 22.06 9.02 -3.38
N ASN B 222 21.23 8.80 -4.40
CA ASN B 222 20.06 9.66 -4.48
C ASN B 222 19.06 9.39 -3.34
N ALA B 223 18.93 8.17 -2.89
CA ALA B 223 17.99 7.87 -1.78
C ALA B 223 18.45 8.60 -0.50
N THR B 224 19.80 8.63 -0.27
CA THR B 224 20.33 9.31 0.90
C THR B 224 19.90 10.75 0.86
N ILE B 225 20.08 11.38 -0.29
CA ILE B 225 19.67 12.75 -0.43
C ILE B 225 18.14 12.94 -0.23
N ILE B 226 17.28 12.06 -0.83
CA ILE B 226 15.84 12.28 -0.65
C ILE B 226 15.49 12.15 0.81
N ALA B 227 16.11 11.16 1.42
CA ALA B 227 15.91 10.90 2.83
C ALA B 227 16.37 12.04 3.72
N ASP B 228 17.53 12.64 3.43
CA ASP B 228 17.99 13.77 4.20
C ASP B 228 17.01 14.93 4.11
N PHE B 229 16.43 15.24 2.90
CA PHE B 229 15.45 16.29 2.75
C PHE B 229 14.20 15.98 3.65
N TYR B 230 13.71 14.73 3.71
CA TYR B 230 12.58 14.41 4.57
C TYR B 230 12.94 14.61 6.05
N LYS B 231 14.06 14.04 6.49
CA LYS B 231 14.53 14.17 7.86
C LYS B 231 14.62 15.62 8.24
N ASN B 232 15.16 16.42 7.39
CA ASN B 232 15.30 17.83 7.67
C ASN B 232 13.99 18.55 7.74
N MET B 233 13.00 18.07 7.06
CA MET B 233 11.70 18.68 7.14
C MET B 233 10.89 18.05 8.33
N LYS B 234 11.49 17.07 9.01
CA LYS B 234 10.91 16.34 10.14
C LYS B 234 9.61 15.66 9.73
N THR B 235 9.67 14.94 8.60
CA THR B 235 8.50 14.19 8.18
C THR B 235 9.00 13.01 7.41
N GLU B 236 8.14 12.28 6.74
CA GLU B 236 8.62 11.10 6.05
C GLU B 236 7.78 10.88 4.80
N GLY B 237 8.23 9.92 3.95
CA GLY B 237 7.55 9.63 2.70
C GLY B 237 6.22 8.94 2.95
N LYS B 238 5.36 8.98 1.96
CA LYS B 238 4.06 8.36 2.05
C LYS B 238 3.91 7.15 1.10
N TYR B 239 4.25 7.37 -0.20
CA TYR B 239 4.07 6.35 -1.22
C TYR B 239 5.35 5.61 -1.51
N PHE B 240 5.36 4.29 -1.34
CA PHE B 240 6.55 3.47 -1.60
C PHE B 240 6.14 2.26 -2.44
N LYS B 241 7.07 1.76 -3.28
CA LYS B 241 6.84 0.56 -4.03
C LYS B 241 8.07 -0.27 -3.84
N TYR B 242 7.99 -1.22 -2.95
CA TYR B 242 9.11 -2.07 -2.61
C TYR B 242 9.26 -3.19 -3.63
N PHE B 243 10.48 -3.51 -3.99
CA PHE B 243 10.77 -4.62 -4.89
C PHE B 243 11.43 -5.68 -4.04
N VAL B 244 10.81 -6.84 -3.99
CA VAL B 244 11.21 -7.95 -3.11
C VAL B 244 11.49 -9.20 -3.91
N TYR B 245 12.67 -9.78 -3.68
CA TYR B 245 13.02 -10.96 -4.47
C TYR B 245 12.38 -12.24 -3.90
N LYS B 246 12.17 -13.26 -4.73
CA LYS B 246 11.52 -14.49 -4.26
C LYS B 246 12.20 -15.25 -3.11
N ASP B 247 13.46 -14.95 -2.82
CA ASP B 247 14.19 -15.62 -1.74
C ASP B 247 14.37 -14.74 -0.51
N ASP B 248 13.65 -13.61 -0.49
CA ASP B 248 13.72 -12.71 0.64
C ASP B 248 12.64 -13.09 1.65
N SER B 249 12.86 -14.17 2.40
CA SER B 249 11.84 -14.65 3.34
C SER B 249 11.31 -13.58 4.29
N LYS B 250 12.24 -12.81 4.88
CA LYS B 250 11.96 -11.73 5.82
C LYS B 250 10.95 -10.66 5.36
N HIS B 251 10.79 -10.46 4.05
CA HIS B 251 9.88 -9.45 3.51
C HIS B 251 8.95 -9.95 2.45
N LEU B 252 9.32 -11.05 1.80
CA LEU B 252 8.54 -11.58 0.71
C LEU B 252 7.12 -11.75 1.12
N ASN B 253 6.94 -12.40 2.24
CA ASN B 253 5.61 -12.61 2.75
C ASN B 253 5.18 -11.41 3.60
N LYS B 254 4.51 -10.48 2.93
CA LYS B 254 3.94 -9.24 3.46
C LYS B 254 2.58 -9.10 2.76
O1 PG4 C . -29.86 -4.71 1.03
C1 PG4 C . -29.40 -5.95 1.56
C2 PG4 C . -30.23 -6.38 2.73
O2 PG4 C . -30.17 -5.34 3.72
C3 PG4 C . -30.06 -5.84 5.03
C4 PG4 C . -30.80 -4.94 5.94
O3 PG4 C . -30.45 -3.60 5.65
C5 PG4 C . -30.73 -2.72 6.71
C6 PG4 C . -31.23 -1.43 6.12
O4 PG4 C . -30.20 -0.79 5.37
C7 PG4 C . -30.35 0.62 5.31
C8 PG4 C . -29.62 1.19 4.10
O5 PG4 C . -30.19 0.78 2.86
O1 PG4 D . -6.58 -8.00 35.07
C1 PG4 D . -6.81 -6.72 35.65
C2 PG4 D . -5.54 -6.32 36.42
O2 PG4 D . -4.36 -6.40 35.58
C3 PG4 D . -3.19 -6.53 36.35
C4 PG4 D . -2.07 -5.71 35.78
O3 PG4 D . -1.90 -6.10 34.44
C5 PG4 D . -2.57 -5.27 33.54
C6 PG4 D . -1.60 -4.79 32.42
O4 PG4 D . -2.37 -4.15 31.30
C7 PG4 D . -2.58 -2.78 31.52
C8 PG4 D . -3.85 -2.24 30.80
O5 PG4 D . -4.12 -0.99 31.49
CL CL E . -10.19 -0.57 8.76
NA NA F . -14.12 -1.92 31.48
O1 PG4 G . -10.66 -2.84 -5.02
C1 PG4 G . -10.55 -1.74 -5.91
C2 PG4 G . -9.91 -0.47 -5.32
O2 PG4 G . -8.51 -0.66 -5.03
C3 PG4 G . -8.04 0.14 -3.93
C4 PG4 G . -6.55 0.40 -4.02
O3 PG4 G . -6.04 0.56 -2.69
C5 PG4 G . -4.85 1.29 -2.47
C6 PG4 G . -4.18 0.66 -1.17
O4 PG4 G . -5.17 0.24 -0.20
C7 PG4 G . -4.77 -0.02 1.18
C8 PG4 G . -5.65 -1.22 1.65
O5 PG4 G . -7.05 -1.25 1.27
O1 PG4 H . -20.09 -1.78 28.03
C1 PG4 H . -20.31 -2.43 26.77
C2 PG4 H . -19.06 -3.03 26.15
O2 PG4 H . -19.43 -3.69 24.94
C3 PG4 H . -18.50 -4.69 24.51
C4 PG4 H . -18.54 -4.80 22.97
O3 PG4 H . -19.74 -5.49 22.57
C5 PG4 H . -19.61 -6.25 21.34
C6 PG4 H . -21.00 -6.61 20.82
O4 PG4 H . -20.93 -7.47 19.66
C7 PG4 H . -22.21 -7.68 19.05
C8 PG4 H . -22.50 -6.72 17.92
O5 PG4 H . -21.79 -7.08 16.73
O1 PG4 I . 3.66 -1.89 30.30
C1 PG4 I . 3.43 -3.15 30.96
C2 PG4 I . 2.19 -3.88 30.51
O2 PG4 I . 2.28 -5.28 30.86
C3 PG4 I . 1.45 -6.11 30.06
C4 PG4 I . 2.16 -6.66 28.84
O3 PG4 I . 1.15 -7.13 27.92
C5 PG4 I . 1.50 -8.23 27.11
C6 PG4 I . 1.65 -7.73 25.73
O4 PG4 I . 2.70 -6.83 25.83
C7 PG4 I . 2.65 -5.70 24.98
C8 PG4 I . 4.03 -5.14 24.84
O5 PG4 I . 3.95 -3.88 24.20
O1 PG4 J . 16.33 32.77 -30.45
C1 PG4 J . 15.68 31.70 -29.76
C2 PG4 J . 15.56 30.49 -30.62
O2 PG4 J . 14.37 29.79 -30.27
C3 PG4 J . 13.31 30.27 -31.06
C4 PG4 J . 12.06 30.19 -30.29
O3 PG4 J . 11.05 30.79 -31.08
C5 PG4 J . 9.96 31.24 -30.29
C6 PG4 J . 10.08 32.71 -30.01
O4 PG4 J . 9.64 33.46 -31.12
C7 PG4 J . 10.08 34.81 -31.05
C8 PG4 J . 11.39 34.95 -31.75
O5 PG4 J . 11.90 36.26 -31.55
CL CL K . 8.31 1.51 -10.13
O1 PG4 L . -2.74 8.49 -7.76
C1 PG4 L . -2.61 9.22 -6.55
C2 PG4 L . -3.09 8.41 -5.36
O2 PG4 L . -2.35 7.19 -5.27
C3 PG4 L . -3.04 6.14 -4.62
C4 PG4 L . -2.03 5.21 -3.98
O3 PG4 L . -2.25 3.89 -4.47
C5 PG4 L . -1.75 2.84 -3.64
C6 PG4 L . -0.46 3.26 -2.97
O4 PG4 L . 0.64 3.31 -3.87
C7 PG4 L . 1.90 3.02 -3.23
C8 PG4 L . 3.00 3.78 -3.91
O5 PG4 L . 2.80 3.80 -5.32
O1 PG4 M . 32.39 2.55 -3.22
C1 PG4 M . 33.11 1.89 -2.18
C2 PG4 M . 33.13 0.42 -2.49
O2 PG4 M . 31.81 -0.03 -2.58
C3 PG4 M . 31.68 -1.38 -2.21
C4 PG4 M . 30.51 -1.96 -2.95
O3 PG4 M . 29.37 -1.15 -2.70
C5 PG4 M . 28.18 -1.90 -2.58
C6 PG4 M . 27.01 -1.12 -3.11
O4 PG4 M . 26.49 -0.11 -2.21
C7 PG4 M . 26.38 -0.40 -0.80
C8 PG4 M . 27.38 0.37 0.06
O5 PG4 M . 27.31 1.78 -0.18
#